data_6XCZ
#
_entry.id   6XCZ
#
_cell.length_a   66.390
_cell.length_b   66.390
_cell.length_c   284.572
_cell.angle_alpha   90.00
_cell.angle_beta   90.00
_cell.angle_gamma   120.00
#
_symmetry.space_group_name_H-M   'P 65 2 2'
#
loop_
_entity.id
_entity.type
_entity.pdbx_description
1 polymer 'Pepsin A'
2 non-polymer '(2S)-N-[(2S,3R)-4-[(2S,3S,4aS,8aS)-3-(tert-butylcarbamoyl)-3,4,4a,5,6,7,8,8a-octahydro-1H-isoquinolin-2-yl]-3-hydroxy-1 -phenyl-butan-2-yl]-2-(quinolin-2-ylcarbonylamino)butanediamide'
3 water water
#
_entity_poly.entity_id   1
_entity_poly.type   'polypeptide(L)'
_entity_poly.pdbx_seq_one_letter_code
;IGDEPLENYLDTEYFGTIGIGTPAQDFTVIFDTGSSNLWVPSVYCSSLACSDHNQFNPDDSSTFEAT(SEP)QELSITYG
TGSMTGILGYDTVQVGGISDTNQIFGLSETEPGSFLYYAPFDGILGLAYPSISASGATPVFDNLWDQGLVSQDLFSVYLS
SNDDSGSVVLLGGIDSSYYTGSLNWVPVSVEGYWQITLDSITMDGETIACSGGCQAIVDTGTSLLTGPTSAIANIQSDIG
ASENSDGEMVISCSSIDSLPDIVFTINGVQYPLSPSAYILQDDDSCTSGFEGMDVPTSSGELWILGDVFIRQYYTVFDRA
NNKVGLAPVA
;
_entity_poly.pdbx_strand_id   A
#
# COMPACT_ATOMS: atom_id res chain seq x y z
N ILE A 1 -7.71 10.89 -17.40
CA ILE A 1 -6.74 10.71 -16.25
C ILE A 1 -7.44 11.17 -14.97
N GLY A 2 -7.49 10.29 -13.98
CA GLY A 2 -8.16 10.58 -12.72
C GLY A 2 -7.11 10.85 -11.67
N ASP A 3 -7.45 11.67 -10.70
CA ASP A 3 -6.53 12.15 -9.70
C ASP A 3 -7.27 11.91 -8.39
N GLU A 4 -6.77 11.00 -7.55
CA GLU A 4 -7.36 10.74 -6.25
C GLU A 4 -6.45 11.30 -5.15
N PRO A 5 -6.83 12.40 -4.48
CA PRO A 5 -6.03 12.92 -3.36
C PRO A 5 -6.08 11.87 -2.24
N LEU A 6 -4.95 11.72 -1.52
CA LEU A 6 -4.87 10.89 -0.33
C LEU A 6 -4.56 11.81 0.88
N GLU A 7 -5.19 11.51 2.02
CA GLU A 7 -4.83 12.06 3.31
C GLU A 7 -3.63 11.28 3.77
N ASN A 8 -2.62 11.99 4.24
CA ASN A 8 -1.49 11.41 4.91
C ASN A 8 -1.80 11.48 6.44
N TYR A 9 -2.15 10.33 7.03
CA TYR A 9 -2.39 10.18 8.42
C TYR A 9 -1.13 9.71 9.06
N LEU A 10 -0.44 10.64 9.74
CA LEU A 10 0.65 10.34 10.65
C LEU A 10 1.83 9.60 9.98
N ASP A 11 1.95 9.76 8.66
CA ASP A 11 2.95 9.07 7.80
C ASP A 11 2.86 7.54 7.89
N THR A 12 1.68 7.05 8.29
CA THR A 12 1.51 5.64 8.58
C THR A 12 0.42 5.02 7.77
N GLU A 13 -0.52 5.84 7.30
CA GLU A 13 -1.65 5.33 6.56
C GLU A 13 -2.01 6.42 5.57
N TYR A 14 -2.30 6.02 4.33
CA TYR A 14 -2.69 6.93 3.28
C TYR A 14 -3.98 6.45 2.69
N PHE A 15 -5.03 7.26 2.81
CA PHE A 15 -6.35 6.84 2.35
C PHE A 15 -7.05 8.00 1.66
N GLY A 16 -7.99 7.66 0.79
CA GLY A 16 -8.70 8.65 0.03
C GLY A 16 -10.17 8.34 0.07
N THR A 17 -10.97 9.30 -0.39
CA THR A 17 -12.42 9.19 -0.35
C THR A 17 -12.89 8.64 -1.68
N ILE A 18 -13.88 7.74 -1.62
CA ILE A 18 -14.60 7.24 -2.77
C ILE A 18 -16.09 7.32 -2.48
N GLY A 19 -16.90 7.29 -3.55
CA GLY A 19 -18.36 7.30 -3.43
C GLY A 19 -18.82 5.95 -3.96
N ILE A 20 -19.81 5.33 -3.30
CA ILE A 20 -20.39 4.13 -3.81
C ILE A 20 -21.89 4.33 -3.84
N GLY A 21 -22.47 4.06 -5.00
CA GLY A 21 -23.92 4.02 -5.20
C GLY A 21 -24.51 5.30 -5.72
N THR A 22 -25.84 5.28 -5.88
CA THR A 22 -26.57 6.39 -6.37
C THR A 22 -27.72 6.70 -5.42
N PRO A 23 -27.72 7.87 -4.72
CA PRO A 23 -26.60 8.81 -4.75
C PRO A 23 -25.37 8.21 -4.03
N ALA A 24 -24.22 8.88 -4.16
CA ALA A 24 -22.97 8.37 -3.63
C ALA A 24 -23.01 8.31 -2.10
N GLN A 25 -22.59 7.19 -1.53
CA GLN A 25 -22.33 7.06 -0.10
C GLN A 25 -20.82 7.08 -0.01
N ASP A 26 -20.27 7.92 0.87
CA ASP A 26 -18.80 8.10 0.92
C ASP A 26 -18.11 7.24 1.96
N PHE A 27 -16.89 6.81 1.60
CA PHE A 27 -16.01 5.98 2.41
C PHE A 27 -14.58 6.43 2.23
N THR A 28 -13.78 6.29 3.28
CA THR A 28 -12.34 6.38 3.13
C THR A 28 -11.79 4.95 2.99
N VAL A 29 -10.87 4.77 2.03
CA VAL A 29 -10.25 3.53 1.77
C VAL A 29 -8.73 3.72 1.57
N ILE A 30 -7.95 2.79 2.08
CA ILE A 30 -6.52 2.68 1.78
C ILE A 30 -6.39 2.31 0.31
N PHE A 31 -5.55 3.02 -0.43
CA PHE A 31 -5.27 2.62 -1.81
C PHE A 31 -4.06 1.72 -1.72
N ASP A 32 -4.28 0.41 -1.91
CA ASP A 32 -3.32 -0.61 -1.44
C ASP A 32 -2.77 -1.44 -2.57
N THR A 33 -1.51 -1.21 -2.94
CA THR A 33 -0.92 -1.95 -4.02
C THR A 33 -0.47 -3.35 -3.63
N GLY A 34 -0.65 -3.73 -2.35
CA GLY A 34 -0.41 -5.08 -1.87
C GLY A 34 -1.63 -5.98 -1.75
N SER A 35 -2.77 -5.58 -2.35
CA SER A 35 -3.97 -6.42 -2.39
C SER A 35 -4.80 -5.98 -3.60
N SER A 36 -5.86 -6.72 -3.90
CA SER A 36 -6.64 -6.53 -5.13
C SER A 36 -8.15 -6.33 -4.99
N ASN A 37 -8.71 -6.58 -3.80
CA ASN A 37 -10.13 -6.37 -3.59
C ASN A 37 -10.46 -4.98 -3.16
N LEU A 38 -11.68 -4.55 -3.53
CA LEU A 38 -12.33 -3.40 -2.95
C LEU A 38 -13.39 -3.92 -2.01
N TRP A 39 -13.42 -3.39 -0.79
CA TRP A 39 -14.50 -3.65 0.16
C TRP A 39 -14.66 -2.50 1.11
N VAL A 40 -15.88 -2.37 1.65
CA VAL A 40 -16.23 -1.39 2.61
C VAL A 40 -17.15 -2.06 3.62
N PRO A 41 -17.30 -1.50 4.84
CA PRO A 41 -18.23 -2.05 5.82
C PRO A 41 -19.63 -1.87 5.26
N SER A 42 -20.55 -2.77 5.64
CA SER A 42 -21.96 -2.61 5.26
C SER A 42 -22.86 -2.71 6.46
N VAL A 43 -24.11 -2.29 6.25
CA VAL A 43 -25.17 -2.45 7.23
C VAL A 43 -25.46 -3.89 7.62
N TYR A 44 -24.96 -4.85 6.83
CA TYR A 44 -25.07 -6.26 7.18
C TYR A 44 -24.07 -6.70 8.28
N CYS A 45 -23.13 -5.84 8.66
CA CYS A 45 -22.11 -6.21 9.65
C CYS A 45 -22.41 -5.61 11.02
N SER A 46 -22.39 -6.46 12.06
CA SER A 46 -22.51 -6.08 13.45
C SER A 46 -21.20 -6.08 14.25
N SER A 47 -20.06 -6.26 13.61
CA SER A 47 -18.78 -6.24 14.33
C SER A 47 -18.51 -4.84 14.86
N LEU A 48 -17.73 -4.78 15.94
CA LEU A 48 -17.30 -3.51 16.50
C LEU A 48 -16.73 -2.54 15.46
N ALA A 49 -15.81 -3.00 14.60
CA ALA A 49 -15.21 -2.14 13.60
C ALA A 49 -16.22 -1.58 12.61
N CYS A 50 -17.27 -2.36 12.28
CA CYS A 50 -18.33 -1.86 11.43
C CYS A 50 -19.13 -0.75 12.18
N SER A 51 -19.34 -0.95 13.46
CA SER A 51 -20.08 0.00 14.24
C SER A 51 -19.47 1.41 14.36
N ASP A 52 -18.13 1.51 14.20
CA ASP A 52 -17.48 2.82 14.27
C ASP A 52 -16.94 3.31 12.98
N HIS A 53 -17.44 2.77 11.86
CA HIS A 53 -17.10 3.24 10.56
C HIS A 53 -18.37 3.38 9.70
N ASN A 54 -18.24 4.08 8.59
CA ASN A 54 -19.31 4.27 7.61
C ASN A 54 -19.69 2.92 7.01
N GLN A 55 -21.00 2.72 6.86
CA GLN A 55 -21.53 1.44 6.44
C GLN A 55 -22.33 1.64 5.16
N PHE A 56 -22.05 0.81 4.17
CA PHE A 56 -22.76 0.86 2.92
C PHE A 56 -24.13 0.27 3.13
N ASN A 57 -25.15 0.96 2.58
CA ASN A 57 -26.55 0.56 2.68
C ASN A 57 -27.11 0.38 1.27
N PRO A 58 -27.18 -0.87 0.78
CA PRO A 58 -27.61 -1.14 -0.61
C PRO A 58 -29.00 -0.65 -0.91
N ASP A 59 -29.84 -0.57 0.11
CA ASP A 59 -31.23 -0.18 -0.06
C ASP A 59 -31.41 1.28 -0.36
N ASP A 60 -30.34 2.07 -0.20
CA ASP A 60 -30.38 3.49 -0.51
C ASP A 60 -29.77 3.80 -1.90
N SER A 61 -29.26 2.79 -2.61
CA SER A 61 -28.69 3.00 -3.93
C SER A 61 -29.55 2.38 -5.05
N SER A 62 -29.83 3.19 -6.07
CA SER A 62 -30.72 2.78 -7.19
C SER A 62 -29.95 1.96 -8.25
N THR A 63 -28.65 1.84 -8.07
CA THR A 63 -27.79 1.18 -9.04
C THR A 63 -27.11 -0.05 -8.47
N PHE A 64 -27.39 -0.37 -7.20
CA PHE A 64 -26.81 -1.56 -6.60
C PHE A 64 -27.39 -2.81 -7.26
N GLU A 65 -26.57 -3.85 -7.45
CA GLU A 65 -27.04 -5.18 -7.85
C GLU A 65 -26.43 -6.19 -6.93
N ALA A 66 -27.28 -7.00 -6.29
CA ALA A 66 -26.83 -8.04 -5.36
C ALA A 66 -26.18 -9.19 -6.14
N THR A 67 -25.28 -9.93 -5.50
CA THR A 67 -24.86 -11.24 -5.96
C THR A 67 -25.03 -12.14 -4.74
N GLN A 69 -22.38 -14.30 -4.28
CA GLN A 69 -21.01 -14.73 -4.08
C GLN A 69 -20.47 -14.20 -2.75
N GLU A 70 -19.93 -15.10 -1.93
CA GLU A 70 -19.32 -14.73 -0.68
C GLU A 70 -17.84 -14.35 -0.87
N LEU A 71 -17.31 -13.70 0.16
CA LEU A 71 -16.00 -13.12 0.16
C LEU A 71 -15.39 -13.32 1.52
N SER A 72 -14.12 -13.71 1.54
CA SER A 72 -13.36 -13.79 2.77
C SER A 72 -11.91 -13.33 2.49
N ILE A 73 -11.39 -12.39 3.29
CA ILE A 73 -10.03 -11.87 3.14
C ILE A 73 -9.34 -11.80 4.49
N THR A 74 -8.13 -12.38 4.54
CA THR A 74 -7.23 -12.19 5.65
C THR A 74 -6.06 -11.38 5.17
N TYR A 75 -5.83 -10.25 5.85
CA TYR A 75 -4.67 -9.40 5.63
C TYR A 75 -3.58 -9.77 6.62
N GLY A 76 -2.37 -9.20 6.44
CA GLY A 76 -1.32 -9.27 7.44
C GLY A 76 -1.82 -8.97 8.87
N THR A 77 -2.52 -7.84 9.04
CA THR A 77 -3.29 -7.48 10.25
C THR A 77 -4.69 -7.10 9.83
N GLY A 78 -5.70 -7.71 10.46
CA GLY A 78 -7.09 -7.47 10.09
C GLY A 78 -7.57 -8.46 9.05
N SER A 79 -8.90 -8.60 8.98
CA SER A 79 -9.56 -9.58 8.13
C SER A 79 -11.04 -9.19 8.06
N MET A 80 -11.74 -9.79 7.09
CA MET A 80 -13.14 -9.53 6.91
C MET A 80 -13.77 -10.72 6.21
N THR A 81 -15.07 -10.86 6.41
CA THR A 81 -15.90 -11.68 5.55
C THR A 81 -17.05 -10.86 5.04
N GLY A 82 -17.59 -11.26 3.90
CA GLY A 82 -18.67 -10.53 3.33
C GLY A 82 -19.29 -11.16 2.11
N ILE A 83 -20.01 -10.30 1.40
CA ILE A 83 -20.77 -10.67 0.26
C ILE A 83 -20.40 -9.67 -0.83
N LEU A 84 -20.32 -10.14 -2.06
CA LEU A 84 -20.03 -9.27 -3.18
C LEU A 84 -21.34 -8.65 -3.69
N GLY A 85 -21.23 -7.43 -4.20
CA GLY A 85 -22.30 -6.66 -4.82
C GLY A 85 -21.71 -5.83 -5.94
N TYR A 86 -22.56 -5.27 -6.81
CA TYR A 86 -22.13 -4.33 -7.83
C TYR A 86 -22.75 -2.98 -7.66
N ASP A 87 -21.98 -1.92 -7.94
CA ASP A 87 -22.53 -0.56 -7.99
C ASP A 87 -21.53 0.35 -8.69
N THR A 88 -21.89 1.61 -8.89
CA THR A 88 -20.97 2.62 -9.41
C THR A 88 -20.13 3.15 -8.26
N VAL A 89 -18.82 3.22 -8.50
CA VAL A 89 -17.82 3.73 -7.58
C VAL A 89 -17.21 4.99 -8.20
N GLN A 90 -17.35 6.13 -7.51
CA GLN A 90 -16.71 7.39 -7.89
C GLN A 90 -15.32 7.35 -7.30
N VAL A 91 -14.29 7.31 -8.13
CA VAL A 91 -12.92 7.29 -7.69
C VAL A 91 -12.06 8.19 -8.60
N GLY A 92 -11.34 9.10 -7.95
CA GLY A 92 -10.43 10.03 -8.60
C GLY A 92 -11.11 10.81 -9.71
N GLY A 93 -12.39 11.13 -9.53
CA GLY A 93 -13.12 11.85 -10.54
C GLY A 93 -13.69 10.99 -11.66
N ILE A 94 -13.49 9.67 -11.61
CA ILE A 94 -14.03 8.73 -12.58
C ILE A 94 -15.24 8.02 -12.03
N SER A 95 -16.30 7.91 -12.84
CA SER A 95 -17.43 7.03 -12.54
C SER A 95 -17.17 5.62 -13.00
N ASP A 96 -16.69 4.80 -12.06
CA ASP A 96 -16.49 3.39 -12.26
C ASP A 96 -17.79 2.61 -12.10
N THR A 97 -18.52 2.52 -13.22
CA THR A 97 -19.77 1.75 -13.33
C THR A 97 -19.50 0.26 -13.26
N ASN A 98 -20.49 -0.48 -12.78
CA ASN A 98 -20.47 -1.93 -12.76
C ASN A 98 -19.24 -2.51 -12.02
N GLN A 99 -18.94 -1.95 -10.85
CA GLN A 99 -17.79 -2.36 -10.06
C GLN A 99 -18.24 -3.34 -8.97
N ILE A 100 -17.64 -4.54 -9.00
CA ILE A 100 -17.89 -5.54 -7.99
C ILE A 100 -17.05 -5.15 -6.76
N PHE A 101 -17.65 -5.30 -5.58
CA PHE A 101 -17.00 -4.96 -4.34
C PHE A 101 -17.61 -5.72 -3.17
N GLY A 102 -16.83 -5.80 -2.07
CA GLY A 102 -17.23 -6.49 -0.88
C GLY A 102 -18.03 -5.57 0.04
N LEU A 103 -19.14 -6.11 0.53
CA LEU A 103 -19.94 -5.58 1.66
C LEU A 103 -19.63 -6.45 2.86
N SER A 104 -18.99 -5.86 3.87
CA SER A 104 -18.53 -6.66 4.97
C SER A 104 -19.71 -7.17 5.80
N GLU A 105 -19.55 -8.37 6.34
CA GLU A 105 -20.47 -8.95 7.26
C GLU A 105 -19.81 -9.26 8.59
N THR A 106 -18.50 -9.50 8.58
CA THR A 106 -17.71 -9.57 9.83
C THR A 106 -16.39 -8.86 9.57
N GLU A 107 -15.87 -8.20 10.60
CA GLU A 107 -14.60 -7.49 10.59
C GLU A 107 -14.08 -7.73 12.01
N PRO A 108 -13.65 -8.97 12.37
CA PRO A 108 -13.32 -9.27 13.76
C PRO A 108 -12.00 -8.64 14.22
N GLY A 109 -11.84 -8.50 15.54
CA GLY A 109 -10.59 -8.01 16.11
C GLY A 109 -10.50 -6.49 16.10
N SER A 110 -9.42 -5.97 16.65
CA SER A 110 -9.40 -4.61 17.15
C SER A 110 -8.70 -3.61 16.22
N PHE A 111 -7.72 -4.08 15.42
CA PHE A 111 -6.96 -3.16 14.60
C PHE A 111 -7.89 -2.25 13.77
N LEU A 112 -8.89 -2.85 13.10
CA LEU A 112 -9.79 -2.08 12.27
C LEU A 112 -10.71 -1.13 13.07
N TYR A 113 -10.98 -1.49 14.32
CA TYR A 113 -11.80 -0.66 15.18
C TYR A 113 -11.21 0.74 15.37
N TYR A 114 -9.89 0.78 15.59
CA TYR A 114 -9.12 2.01 15.81
C TYR A 114 -8.64 2.72 14.58
N ALA A 115 -8.66 2.05 13.43
CA ALA A 115 -8.20 2.60 12.18
C ALA A 115 -9.10 3.75 11.74
N PRO A 116 -8.54 4.83 11.17
CA PRO A 116 -9.34 5.95 10.69
C PRO A 116 -10.16 5.64 9.46
N PHE A 117 -9.70 4.72 8.61
CA PHE A 117 -10.29 4.46 7.31
C PHE A 117 -11.34 3.36 7.44
N ASP A 118 -12.28 3.33 6.48
CA ASP A 118 -13.40 2.40 6.51
C ASP A 118 -13.06 1.06 5.82
N GLY A 119 -12.40 1.12 4.66
CA GLY A 119 -12.19 -0.05 3.84
C GLY A 119 -10.90 -0.02 3.07
N ILE A 120 -10.79 -0.92 2.09
CA ILE A 120 -9.53 -1.09 1.32
C ILE A 120 -9.85 -1.14 -0.12
N LEU A 121 -9.08 -0.41 -0.94
CA LEU A 121 -9.17 -0.50 -2.37
C LEU A 121 -7.86 -1.06 -2.92
N GLY A 122 -7.87 -2.35 -3.27
CA GLY A 122 -6.69 -3.02 -3.82
C GLY A 122 -6.36 -2.59 -5.23
N LEU A 123 -5.05 -2.44 -5.50
CA LEU A 123 -4.50 -2.01 -6.78
C LEU A 123 -3.48 -2.99 -7.39
N ALA A 124 -3.54 -4.25 -6.93
CA ALA A 124 -2.67 -5.32 -7.39
C ALA A 124 -3.37 -6.15 -8.46
N TYR A 125 -2.79 -7.31 -8.81
CA TYR A 125 -3.25 -8.07 -9.95
C TYR A 125 -4.47 -8.92 -9.61
N PRO A 126 -5.31 -9.26 -10.61
CA PRO A 126 -6.50 -10.07 -10.34
C PRO A 126 -6.16 -11.45 -9.80
N SER A 127 -4.97 -12.00 -10.10
CA SER A 127 -4.61 -13.33 -9.60
C SER A 127 -4.63 -13.49 -8.04
N ILE A 128 -4.56 -12.39 -7.29
CA ILE A 128 -4.60 -12.49 -5.82
C ILE A 128 -5.90 -11.93 -5.24
N SER A 129 -6.89 -11.62 -6.09
CA SER A 129 -8.15 -11.13 -5.60
C SER A 129 -8.99 -12.29 -5.06
N ALA A 130 -9.45 -12.12 -3.83
CA ALA A 130 -10.31 -13.07 -3.20
C ALA A 130 -11.63 -13.18 -3.98
N SER A 131 -12.10 -14.43 -4.09
CA SER A 131 -13.27 -14.81 -4.88
C SER A 131 -13.16 -14.37 -6.35
N GLY A 132 -11.94 -14.06 -6.81
CA GLY A 132 -11.73 -13.61 -8.17
C GLY A 132 -12.50 -12.35 -8.53
N ALA A 133 -12.77 -11.48 -7.55
CA ALA A 133 -13.45 -10.20 -7.75
C ALA A 133 -12.60 -9.29 -8.62
N THR A 134 -13.23 -8.74 -9.68
CA THR A 134 -12.51 -7.83 -10.54
C THR A 134 -12.00 -6.64 -9.75
N PRO A 135 -10.68 -6.38 -9.74
CA PRO A 135 -10.16 -5.19 -9.06
C PRO A 135 -10.54 -3.91 -9.77
N VAL A 136 -10.57 -2.80 -9.02
CA VAL A 136 -11.01 -1.53 -9.56
C VAL A 136 -10.25 -1.11 -10.81
N PHE A 137 -8.93 -1.19 -10.75
CA PHE A 137 -8.16 -0.67 -11.87
C PHE A 137 -8.41 -1.52 -13.11
N ASP A 138 -8.65 -2.84 -12.93
CA ASP A 138 -8.94 -3.72 -14.04
C ASP A 138 -10.27 -3.34 -14.69
N ASN A 139 -11.27 -3.01 -13.85
CA ASN A 139 -12.59 -2.56 -14.32
C ASN A 139 -12.51 -1.23 -15.07
N LEU A 140 -11.66 -0.30 -14.60
CA LEU A 140 -11.47 0.98 -15.28
C LEU A 140 -10.89 0.73 -16.66
N TRP A 141 -9.83 -0.07 -16.70
CA TRP A 141 -9.21 -0.42 -17.97
C TRP A 141 -10.18 -1.12 -18.91
N ASP A 142 -10.89 -2.15 -18.41
CA ASP A 142 -11.84 -2.93 -19.22
C ASP A 142 -12.94 -2.08 -19.83
N GLN A 143 -13.37 -1.02 -19.12
CA GLN A 143 -14.40 -0.08 -19.58
C GLN A 143 -13.87 1.14 -20.31
N GLY A 144 -12.56 1.19 -20.55
CA GLY A 144 -11.90 2.28 -21.26
C GLY A 144 -11.99 3.63 -20.55
N LEU A 145 -12.11 3.61 -19.21
CA LEU A 145 -12.19 4.84 -18.44
C LEU A 145 -10.84 5.52 -18.22
N VAL A 146 -9.74 4.81 -18.48
CA VAL A 146 -8.43 5.40 -18.54
C VAL A 146 -7.82 4.94 -19.87
N SER A 147 -7.12 5.86 -20.53
CA SER A 147 -6.54 5.64 -21.81
C SER A 147 -5.22 4.87 -21.72
N GLN A 148 -4.48 5.04 -20.64
CA GLN A 148 -3.23 4.29 -20.42
C GLN A 148 -3.39 3.33 -19.28
N ASP A 149 -2.90 2.11 -19.47
CA ASP A 149 -3.14 1.04 -18.49
C ASP A 149 -2.13 1.07 -17.34
N LEU A 150 -2.11 2.18 -16.61
CA LEU A 150 -1.07 2.39 -15.57
C LEU A 150 -1.58 3.42 -14.61
N PHE A 151 -0.95 3.48 -13.44
CA PHE A 151 -1.29 4.50 -12.47
C PHE A 151 -0.04 4.82 -11.69
N SER A 152 0.01 6.01 -11.10
CA SER A 152 1.20 6.37 -10.33
C SER A 152 0.82 6.89 -8.95
N VAL A 153 1.78 6.81 -8.02
CA VAL A 153 1.55 7.13 -6.64
C VAL A 153 2.64 7.98 -6.09
N TYR A 154 2.22 9.12 -5.53
CA TYR A 154 3.09 10.00 -4.76
C TYR A 154 2.57 10.00 -3.35
N LEU A 155 3.44 9.64 -2.40
CA LEU A 155 3.12 9.76 -1.00
C LEU A 155 3.94 10.84 -0.34
N SER A 156 3.24 11.80 0.29
CA SER A 156 3.88 12.90 0.95
C SER A 156 4.60 12.52 2.24
N SER A 157 5.50 13.39 2.66
CA SER A 157 6.28 13.25 3.87
C SER A 157 5.85 14.29 4.89
N ASN A 158 6.30 14.09 6.13
CA ASN A 158 6.11 15.03 7.23
C ASN A 158 4.63 15.38 7.44
N ASP A 159 3.74 14.40 7.27
CA ASP A 159 2.27 14.62 7.36
C ASP A 159 1.67 15.70 6.41
N ASP A 160 2.35 16.03 5.31
CA ASP A 160 1.90 17.10 4.42
C ASP A 160 0.72 16.63 3.60
N SER A 161 -0.04 17.58 3.06
CA SER A 161 -1.06 17.21 2.08
C SER A 161 -0.33 17.07 0.73
N GLY A 162 -1.06 16.65 -0.29
CA GLY A 162 -0.53 16.53 -1.61
C GLY A 162 -0.30 15.11 -2.08
N SER A 163 -0.44 14.09 -1.23
CA SER A 163 -0.35 12.70 -1.70
C SER A 163 -1.44 12.47 -2.76
N VAL A 164 -1.12 11.65 -3.77
CA VAL A 164 -2.06 11.38 -4.84
C VAL A 164 -1.83 10.05 -5.51
N VAL A 165 -2.91 9.46 -6.02
CA VAL A 165 -2.86 8.40 -6.97
C VAL A 165 -3.40 8.95 -8.28
N LEU A 166 -2.55 8.94 -9.32
CA LEU A 166 -2.90 9.41 -10.62
C LEU A 166 -3.25 8.21 -11.51
N LEU A 167 -4.54 8.10 -11.83
CA LEU A 167 -5.09 6.95 -12.55
C LEU A 167 -5.01 7.24 -14.05
N GLY A 168 -4.15 6.49 -14.75
CA GLY A 168 -3.98 6.63 -16.18
C GLY A 168 -2.89 7.61 -16.60
N GLY A 169 -2.04 8.04 -15.65
CA GLY A 169 -0.97 8.95 -15.98
C GLY A 169 0.24 8.92 -15.06
N ILE A 170 1.29 9.63 -15.51
CA ILE A 170 2.54 9.89 -14.83
C ILE A 170 2.79 11.40 -14.91
N ASP A 171 3.13 12.01 -13.76
CA ASP A 171 3.32 13.45 -13.66
C ASP A 171 4.74 13.66 -13.24
N SER A 172 5.56 14.15 -14.17
CA SER A 172 7.01 14.24 -13.99
C SER A 172 7.46 15.32 -13.01
N SER A 173 6.56 16.24 -12.67
CA SER A 173 6.90 17.29 -11.74
C SER A 173 7.17 16.74 -10.31
N TYR A 174 6.56 15.59 -9.98
CA TYR A 174 6.76 14.89 -8.70
C TYR A 174 8.13 14.18 -8.50
N TYR A 175 8.96 14.09 -9.55
CA TYR A 175 10.23 13.38 -9.47
C TYR A 175 11.38 14.04 -10.22
N THR A 176 12.60 13.59 -9.92
CA THR A 176 13.83 14.13 -10.44
C THR A 176 14.39 13.02 -11.28
N GLY A 177 15.08 13.38 -12.35
CA GLY A 177 15.61 12.39 -13.28
C GLY A 177 14.49 11.69 -14.09
N SER A 178 14.87 10.58 -14.73
CA SER A 178 13.94 9.79 -15.50
C SER A 178 13.66 8.52 -14.71
N LEU A 179 12.47 7.98 -14.98
CA LEU A 179 12.01 6.79 -14.36
C LEU A 179 12.90 5.64 -14.75
N ASN A 180 13.20 4.79 -13.77
CA ASN A 180 13.87 3.53 -13.96
C ASN A 180 12.80 2.47 -13.90
N TRP A 181 12.73 1.63 -14.94
CA TRP A 181 11.71 0.60 -15.07
C TRP A 181 12.21 -0.74 -14.59
N VAL A 182 11.40 -1.41 -13.77
CA VAL A 182 11.76 -2.68 -13.16
C VAL A 182 10.71 -3.71 -13.57
N PRO A 183 11.10 -4.83 -14.21
CA PRO A 183 10.14 -5.88 -14.55
C PRO A 183 9.49 -6.50 -13.30
N VAL A 184 8.19 -6.83 -13.40
CA VAL A 184 7.49 -7.56 -12.34
C VAL A 184 7.98 -9.02 -12.40
N SER A 185 8.59 -9.51 -11.30
CA SER A 185 9.15 -10.88 -11.26
C SER A 185 7.99 -11.91 -11.24
N VAL A 186 6.96 -11.65 -10.42
CA VAL A 186 5.81 -12.52 -10.30
C VAL A 186 4.55 -11.66 -10.20
N GLU A 187 3.61 -11.87 -11.13
CA GLU A 187 2.39 -11.05 -11.21
C GLU A 187 1.33 -11.55 -10.24
N GLY A 188 1.05 -10.74 -9.23
CA GLY A 188 0.05 -11.05 -8.22
C GLY A 188 0.09 -9.82 -7.38
N TYR A 189 1.11 -9.74 -6.51
CA TYR A 189 1.56 -8.46 -5.97
C TYR A 189 2.33 -7.73 -7.07
N TRP A 190 2.66 -6.47 -6.79
CA TRP A 190 3.65 -5.73 -7.57
C TRP A 190 5.01 -6.14 -7.03
N GLN A 191 5.44 -7.34 -7.43
CA GLN A 191 6.60 -8.03 -6.86
C GLN A 191 7.77 -7.91 -7.83
N ILE A 192 8.95 -7.64 -7.30
CA ILE A 192 10.16 -7.37 -8.09
C ILE A 192 11.30 -8.03 -7.36
N THR A 193 12.46 -8.13 -8.04
CA THR A 193 13.65 -8.69 -7.40
C THR A 193 14.50 -7.56 -6.80
N LEU A 194 14.85 -7.70 -5.53
CA LEU A 194 15.79 -6.84 -4.84
C LEU A 194 17.10 -7.58 -4.99
N ASP A 195 18.16 -6.89 -5.43
CA ASP A 195 19.45 -7.50 -5.62
C ASP A 195 20.35 -7.56 -4.38
N SER A 196 20.24 -6.52 -3.54
CA SER A 196 21.05 -6.40 -2.33
C SER A 196 20.54 -5.27 -1.45
N ILE A 197 20.89 -5.36 -0.18
CA ILE A 197 20.70 -4.26 0.75
C ILE A 197 22.05 -4.00 1.37
N THR A 198 22.56 -2.78 1.22
CA THR A 198 23.94 -2.45 1.64
C THR A 198 23.97 -1.19 2.50
N MET A 199 25.06 -1.06 3.27
CA MET A 199 25.34 0.07 4.15
C MET A 199 26.86 0.15 4.21
N ASP A 200 27.44 1.32 3.92
CA ASP A 200 28.92 1.49 3.81
C ASP A 200 29.55 0.54 2.77
N GLY A 201 28.81 0.28 1.68
CA GLY A 201 29.20 -0.63 0.62
C GLY A 201 29.33 -2.09 1.03
N GLU A 202 28.99 -2.40 2.28
CA GLU A 202 28.90 -3.77 2.79
C GLU A 202 27.46 -4.24 2.64
N THR A 203 27.29 -5.42 2.06
CA THR A 203 25.99 -6.08 2.02
C THR A 203 25.53 -6.52 3.40
N ILE A 204 24.32 -6.11 3.78
CA ILE A 204 23.76 -6.44 5.09
C ILE A 204 22.48 -7.30 5.13
N ALA A 205 21.92 -7.63 3.95
CA ALA A 205 20.73 -8.49 3.85
C ALA A 205 20.50 -8.70 2.39
N CYS A 206 19.73 -9.74 2.05
CA CYS A 206 19.38 -10.03 0.68
C CYS A 206 20.65 -10.32 -0.18
N SER A 207 21.61 -11.03 0.43
CA SER A 207 22.74 -11.53 -0.30
C SER A 207 22.23 -12.56 -1.31
N GLY A 208 22.56 -12.33 -2.60
CA GLY A 208 22.17 -13.18 -3.71
C GLY A 208 20.78 -12.89 -4.22
N GLY A 209 20.18 -11.82 -3.71
CA GLY A 209 18.85 -11.43 -4.12
C GLY A 209 17.70 -12.08 -3.38
N CYS A 210 16.51 -11.51 -3.58
CA CYS A 210 15.34 -11.77 -2.77
C CYS A 210 14.16 -11.05 -3.40
N GLN A 211 12.95 -11.51 -3.07
CA GLN A 211 11.75 -10.95 -3.66
C GLN A 211 11.24 -9.86 -2.72
N ALA A 212 10.66 -8.82 -3.30
CA ALA A 212 10.09 -7.66 -2.56
C ALA A 212 8.83 -7.30 -3.26
N ILE A 213 7.91 -6.66 -2.52
CA ILE A 213 6.75 -6.05 -3.15
C ILE A 213 6.69 -4.56 -2.83
N VAL A 214 6.03 -3.80 -3.70
CA VAL A 214 5.91 -2.37 -3.52
C VAL A 214 4.49 -2.22 -3.07
N ASP A 215 4.33 -1.84 -1.81
CA ASP A 215 3.03 -1.87 -1.14
C ASP A 215 2.67 -0.58 -0.41
N THR A 216 1.85 0.23 -1.05
CA THR A 216 1.44 1.49 -0.44
C THR A 216 0.62 1.28 0.84
N GLY A 217 0.03 0.10 0.98
CA GLY A 217 -0.77 -0.19 2.16
C GLY A 217 -0.04 -0.67 3.38
N THR A 218 1.30 -0.69 3.34
CA THR A 218 2.14 -1.09 4.48
C THR A 218 2.95 0.11 4.91
N SER A 219 2.90 0.44 6.21
CA SER A 219 3.59 1.63 6.73
C SER A 219 5.09 1.54 6.68
N LEU A 220 5.60 0.40 7.11
CA LEU A 220 7.00 0.26 7.39
C LEU A 220 7.69 -0.49 6.25
N LEU A 221 9.00 -0.60 6.35
CA LEU A 221 9.80 -1.41 5.45
C LEU A 221 9.99 -2.73 6.16
N THR A 222 9.35 -3.80 5.67
CA THR A 222 9.38 -5.05 6.39
C THR A 222 10.18 -6.10 5.64
N GLY A 223 10.69 -7.08 6.37
CA GLY A 223 11.43 -8.15 5.77
C GLY A 223 11.50 -9.32 6.75
N PRO A 224 12.13 -10.45 6.35
CA PRO A 224 12.27 -11.60 7.25
C PRO A 224 12.87 -11.18 8.60
N THR A 225 12.29 -11.75 9.66
CA THR A 225 12.74 -11.49 11.03
C THR A 225 14.24 -11.45 11.28
N SER A 226 14.96 -12.53 10.92
CA SER A 226 16.36 -12.60 11.26
C SER A 226 17.15 -11.53 10.53
N ALA A 227 16.84 -11.30 9.25
CA ALA A 227 17.52 -10.28 8.46
C ALA A 227 17.25 -8.88 9.03
N ILE A 228 15.99 -8.62 9.41
CA ILE A 228 15.67 -7.36 10.02
C ILE A 228 16.37 -7.13 11.38
N ALA A 229 16.40 -8.14 12.25
CA ALA A 229 17.14 -8.03 13.52
C ALA A 229 18.54 -7.50 13.25
N ASN A 230 19.20 -8.09 12.24
CA ASN A 230 20.56 -7.70 11.87
C ASN A 230 20.64 -6.23 11.47
N ILE A 231 19.66 -5.78 10.70
CA ILE A 231 19.58 -4.39 10.28
C ILE A 231 19.37 -3.50 11.48
N GLN A 232 18.44 -3.91 12.35
CA GLN A 232 18.14 -3.15 13.56
C GLN A 232 19.43 -3.03 14.37
N SER A 233 20.11 -4.16 14.57
CA SER A 233 21.42 -4.17 15.23
C SER A 233 22.37 -3.20 14.52
N ASP A 234 22.38 -3.23 13.18
CA ASP A 234 23.27 -2.39 12.39
C ASP A 234 23.03 -0.88 12.56
N ILE A 235 21.76 -0.47 12.69
CA ILE A 235 21.39 0.95 12.91
C ILE A 235 21.26 1.35 14.38
N GLY A 236 21.55 0.40 15.29
CA GLY A 236 21.56 0.60 16.72
C GLY A 236 20.19 0.77 17.33
N ALA A 237 19.20 0.01 16.81
CA ALA A 237 17.84 -0.03 17.35
C ALA A 237 17.72 -1.20 18.29
N SER A 238 16.89 -1.03 19.32
CA SER A 238 16.73 -2.03 20.36
C SER A 238 15.35 -1.88 20.89
N GLU A 239 14.70 -3.01 21.13
CA GLU A 239 13.33 -3.03 21.61
C GLU A 239 13.33 -2.58 23.07
N ASN A 240 12.38 -1.69 23.40
CA ASN A 240 12.19 -1.23 24.78
C ASN A 240 11.26 -2.23 25.47
N SER A 241 10.98 -2.00 26.76
CA SER A 241 10.04 -2.85 27.51
C SER A 241 8.57 -2.82 27.02
N ASP A 242 8.22 -1.86 26.15
CA ASP A 242 6.86 -1.69 25.60
C ASP A 242 6.60 -2.32 24.20
N GLY A 243 7.66 -2.89 23.61
CA GLY A 243 7.61 -3.56 22.31
C GLY A 243 7.80 -2.66 21.12
N GLU A 244 8.73 -1.69 21.24
CA GLU A 244 8.95 -0.63 20.27
C GLU A 244 10.45 -0.43 19.99
N MET A 245 10.81 -0.58 18.71
CA MET A 245 12.19 -0.50 18.24
C MET A 245 12.64 0.94 18.31
N VAL A 246 13.28 1.28 19.44
CA VAL A 246 13.63 2.64 19.75
C VAL A 246 15.05 2.92 19.23
N ILE A 247 15.32 4.19 18.94
CA ILE A 247 16.57 4.67 18.36
C ILE A 247 16.76 6.08 18.87
N SER A 248 18.00 6.47 19.14
CA SER A 248 18.30 7.84 19.57
C SER A 248 18.22 8.76 18.38
N CYS A 249 17.47 9.86 18.53
CA CYS A 249 17.26 10.83 17.47
C CYS A 249 18.58 11.45 16.95
N SER A 250 19.67 11.29 17.70
CA SER A 250 21.00 11.73 17.25
C SER A 250 21.57 10.89 16.08
N SER A 251 21.11 9.63 15.99
CA SER A 251 21.58 8.74 14.96
C SER A 251 21.09 9.16 13.59
N ILE A 252 19.93 9.81 13.53
CA ILE A 252 19.44 10.34 12.26
C ILE A 252 20.55 11.10 11.57
N ASP A 253 21.41 11.73 12.36
CA ASP A 253 22.42 12.58 11.81
C ASP A 253 23.80 11.94 11.68
N SER A 254 24.08 10.90 12.48
CA SER A 254 25.36 10.19 12.38
C SER A 254 25.35 9.07 11.31
N LEU A 255 24.20 8.45 11.11
CA LEU A 255 24.15 7.21 10.38
C LEU A 255 24.29 7.39 8.88
N PRO A 256 24.80 6.35 8.18
CA PRO A 256 24.86 6.38 6.72
C PRO A 256 23.54 5.93 6.12
N ASP A 257 23.42 6.07 4.80
CA ASP A 257 22.29 5.55 4.05
C ASP A 257 22.29 4.02 4.02
N ILE A 258 21.10 3.46 3.81
CA ILE A 258 20.93 2.06 3.52
C ILE A 258 20.45 2.03 2.09
N VAL A 259 21.16 1.25 1.26
CA VAL A 259 20.93 1.26 -0.17
C VAL A 259 20.24 -0.01 -0.64
N PHE A 260 19.12 0.18 -1.36
CA PHE A 260 18.41 -0.89 -2.02
C PHE A 260 18.80 -0.92 -3.47
N THR A 261 19.44 -2.01 -3.91
CA THR A 261 19.69 -2.22 -5.33
C THR A 261 18.57 -2.99 -6.00
N ILE A 262 17.96 -2.36 -7.00
CA ILE A 262 16.83 -2.90 -7.72
C ILE A 262 17.07 -2.79 -9.24
N ASN A 263 17.02 -3.95 -9.91
CA ASN A 263 17.34 -4.08 -11.33
C ASN A 263 18.66 -3.40 -11.65
N GLY A 264 19.67 -3.64 -10.79
CA GLY A 264 21.01 -3.15 -10.96
C GLY A 264 21.31 -1.70 -10.63
N VAL A 265 20.31 -0.97 -10.14
CA VAL A 265 20.33 0.47 -9.90
C VAL A 265 20.18 0.70 -8.36
N GLN A 266 20.96 1.65 -7.79
CA GLN A 266 20.88 2.01 -6.39
C GLN A 266 19.71 2.94 -5.97
N TYR A 267 19.01 2.57 -4.89
CA TYR A 267 17.94 3.38 -4.29
C TYR A 267 18.23 3.59 -2.80
N PRO A 268 18.95 4.66 -2.44
CA PRO A 268 19.31 4.91 -1.05
C PRO A 268 18.07 5.42 -0.26
N LEU A 269 18.08 5.11 1.03
CA LEU A 269 17.20 5.71 2.01
C LEU A 269 18.08 6.32 3.05
N SER A 270 17.96 7.63 3.23
CA SER A 270 18.73 8.32 4.27
C SER A 270 18.15 7.99 5.64
N PRO A 271 18.88 8.23 6.74
CA PRO A 271 18.36 7.99 8.09
C PRO A 271 17.09 8.74 8.35
N SER A 272 16.98 9.94 7.78
CA SER A 272 15.76 10.72 7.94
C SER A 272 14.55 10.07 7.26
N ALA A 273 14.78 9.13 6.35
CA ALA A 273 13.72 8.31 5.79
C ALA A 273 13.47 7.03 6.61
N TYR A 274 14.52 6.34 7.06
CA TYR A 274 14.30 5.02 7.66
C TYR A 274 14.16 5.09 9.17
N ILE A 275 14.30 6.30 9.72
CA ILE A 275 14.00 6.60 11.12
C ILE A 275 12.81 7.55 11.20
N LEU A 276 11.78 7.12 11.94
CA LEU A 276 10.57 7.90 12.21
C LEU A 276 10.78 8.78 13.42
N GLN A 277 10.47 10.07 13.26
CA GLN A 277 10.63 11.06 14.31
C GLN A 277 9.31 11.70 14.70
N ASP A 278 9.20 11.93 16.00
CA ASP A 278 8.06 12.56 16.55
C ASP A 278 8.49 13.16 17.85
N ASP A 279 9.21 14.29 17.74
CA ASP A 279 9.55 15.13 18.87
C ASP A 279 10.30 14.31 19.88
N ASP A 280 11.44 13.78 19.44
CA ASP A 280 12.40 13.07 20.28
C ASP A 280 11.92 11.73 20.76
N SER A 281 10.93 11.18 20.06
CA SER A 281 10.64 9.76 20.08
C SER A 281 10.93 9.29 18.63
N CYS A 282 12.05 8.58 18.46
CA CYS A 282 12.48 8.02 17.19
C CYS A 282 12.41 6.49 17.24
N THR A 283 11.65 5.89 16.32
CA THR A 283 11.54 4.44 16.18
C THR A 283 12.20 4.08 14.85
N SER A 284 12.49 2.79 14.68
CA SER A 284 12.99 2.22 13.42
C SER A 284 11.87 2.18 12.37
N GLY A 285 12.20 2.52 11.13
CA GLY A 285 11.27 2.33 10.02
C GLY A 285 11.27 0.90 9.49
N PHE A 286 12.09 0.03 10.07
CA PHE A 286 12.10 -1.36 9.70
C PHE A 286 11.30 -2.14 10.72
N GLU A 287 10.66 -3.21 10.26
CA GLU A 287 9.88 -4.11 11.09
C GLU A 287 10.07 -5.51 10.57
N GLY A 288 10.34 -6.46 11.47
CA GLY A 288 10.49 -7.84 11.09
C GLY A 288 9.13 -8.46 10.87
N MET A 289 8.85 -8.99 9.67
CA MET A 289 7.63 -9.76 9.39
C MET A 289 7.83 -10.81 8.28
N ASP A 290 7.46 -12.06 8.58
CA ASP A 290 7.82 -13.19 7.74
C ASP A 290 6.65 -13.48 6.82
N VAL A 291 6.90 -13.44 5.51
CA VAL A 291 5.90 -13.58 4.47
C VAL A 291 6.33 -14.67 3.49
N PRO A 292 6.01 -15.94 3.82
CA PRO A 292 6.46 -17.08 3.02
C PRO A 292 5.76 -17.15 1.66
N THR A 293 6.54 -17.46 0.61
CA THR A 293 6.02 -17.68 -0.74
C THR A 293 6.76 -18.89 -1.36
N SER A 294 6.18 -19.45 -2.43
CA SER A 294 6.87 -20.40 -3.29
C SER A 294 8.31 -19.93 -3.56
N SER A 295 8.41 -18.80 -4.28
CA SER A 295 9.67 -18.14 -4.65
C SER A 295 10.67 -18.04 -3.47
N GLY A 296 10.33 -17.21 -2.47
CA GLY A 296 11.01 -17.12 -1.19
C GLY A 296 10.18 -16.22 -0.28
N GLU A 297 10.72 -15.95 0.92
CA GLU A 297 10.19 -14.95 1.86
C GLU A 297 10.14 -13.56 1.19
N LEU A 298 8.99 -12.88 1.20
CA LEU A 298 8.94 -11.50 0.68
C LEU A 298 9.45 -10.39 1.61
N TRP A 299 10.14 -9.40 1.04
CA TRP A 299 10.34 -8.09 1.67
C TRP A 299 9.18 -7.19 1.25
N ILE A 300 8.77 -6.25 2.12
CA ILE A 300 7.73 -5.30 1.70
C ILE A 300 8.30 -3.89 1.70
N LEU A 301 8.30 -3.24 0.54
CA LEU A 301 8.78 -1.87 0.40
C LEU A 301 7.54 -1.02 0.59
N GLY A 302 7.32 -0.63 1.85
CA GLY A 302 6.13 0.11 2.27
C GLY A 302 6.37 1.61 2.16
N ASP A 303 5.57 2.37 2.92
CA ASP A 303 5.53 3.82 2.80
C ASP A 303 6.87 4.46 3.12
N VAL A 304 7.63 3.86 4.05
CA VAL A 304 8.98 4.32 4.34
C VAL A 304 9.81 4.47 3.05
N PHE A 305 9.67 3.49 2.16
CA PHE A 305 10.38 3.50 0.86
C PHE A 305 9.69 4.40 -0.13
N ILE A 306 8.38 4.22 -0.24
CA ILE A 306 7.63 4.84 -1.31
C ILE A 306 7.64 6.39 -1.19
N ARG A 307 7.67 6.90 0.05
CA ARG A 307 7.80 8.35 0.27
C ARG A 307 9.01 8.98 -0.40
N GLN A 308 10.05 8.17 -0.64
CA GLN A 308 11.26 8.66 -1.24
C GLN A 308 11.32 8.52 -2.75
N TYR A 309 10.43 7.68 -3.31
CA TYR A 309 10.42 7.33 -4.73
C TYR A 309 9.01 7.31 -5.30
N TYR A 310 8.74 8.29 -6.15
CA TYR A 310 7.57 8.27 -7.01
C TYR A 310 7.51 6.96 -7.74
N THR A 311 6.35 6.31 -7.68
CA THR A 311 6.19 5.00 -8.19
C THR A 311 5.08 4.91 -9.28
N VAL A 312 5.46 4.29 -10.41
CA VAL A 312 4.55 3.99 -11.49
C VAL A 312 4.30 2.50 -11.56
N PHE A 313 3.02 2.13 -11.58
CA PHE A 313 2.58 0.75 -11.67
C PHE A 313 1.96 0.51 -13.03
N ASP A 314 2.71 -0.16 -13.93
CA ASP A 314 2.35 -0.28 -15.32
C ASP A 314 1.85 -1.66 -15.68
N ARG A 315 0.54 -1.76 -15.91
CA ARG A 315 -0.10 -3.03 -16.29
C ARG A 315 -0.02 -3.33 -17.78
N ALA A 316 0.31 -2.33 -18.59
CA ALA A 316 0.48 -2.51 -20.02
C ALA A 316 1.74 -3.33 -20.27
N ASN A 317 2.74 -3.05 -19.44
CA ASN A 317 4.17 -3.43 -19.45
C ASN A 317 4.52 -4.56 -18.52
N ASN A 318 3.76 -4.66 -17.44
CA ASN A 318 4.14 -5.41 -16.24
C ASN A 318 5.46 -4.97 -15.66
N LYS A 319 5.54 -3.67 -15.41
CA LYS A 319 6.71 -3.05 -14.84
C LYS A 319 6.34 -2.03 -13.78
N VAL A 320 7.24 -1.83 -12.83
CA VAL A 320 7.21 -0.75 -11.86
C VAL A 320 8.24 0.27 -12.30
N GLY A 321 7.89 1.55 -12.26
CA GLY A 321 8.79 2.62 -12.51
C GLY A 321 9.09 3.38 -11.23
N LEU A 322 10.35 3.71 -10.99
CA LEU A 322 10.77 4.45 -9.80
C LEU A 322 11.66 5.62 -10.17
N ALA A 323 11.49 6.71 -9.43
CA ALA A 323 12.40 7.85 -9.47
C ALA A 323 12.35 8.64 -8.17
N PRO A 324 13.47 9.30 -7.76
CA PRO A 324 13.47 10.03 -6.50
C PRO A 324 12.42 11.13 -6.51
N VAL A 325 11.67 11.26 -5.41
CA VAL A 325 10.74 12.38 -5.27
C VAL A 325 11.41 13.76 -5.40
N ALA A 326 10.63 14.68 -5.97
CA ALA A 326 11.03 16.06 -6.25
C ALA A 326 11.40 16.82 -4.97
#